data_1C1U
#
_entry.id   1C1U
#
_cell.length_a   71.680
_cell.length_b   72.120
_cell.length_c   73.110
_cell.angle_alpha   90.00
_cell.angle_beta   101.62
_cell.angle_gamma   90.00
#
_symmetry.space_group_name_H-M   'C 1 2 1'
#
loop_
_entity.id
_entity.type
_entity.pdbx_description
1 polymer 'ALPHA THROMBIN'
2 polymer 'ALPHA THROMBIN'
3 polymer 'ACETYL HIRUDIN'
4 non-polymer 'ZINC ION'
5 non-polymer 'SODIUM ION'
6 non-polymer (5-AMIDINO-2-BENZIMIDAZOLYL)(2-BENZIMIDAZOLYL)METHANE
7 water water
#
loop_
_entity_poly.entity_id
_entity_poly.type
_entity_poly.pdbx_seq_one_letter_code
_entity_poly.pdbx_strand_id
1 'polypeptide(L)' TFGSGEADCGLRPLFEKKSLEDKTERELLESYIDGR L
2 'polypeptide(L)'
;IVEGSDAEIGMSPWQVMLFRKSPQELLCGASLISDRWVLTAAHCLLYPPWDKNFTENDLLVRIGKHSRTRYERNIEKISM
LEKIYIHPRYNWRENLDRDIALMKLKKPVAFSDYIHPVCLPDRETAASLLQAGYKGRVTGWGNLKETWTANVGKGQPSVL
QVVNLPIVERPVCKDSTRIRITDNMFCAGYKPDEGKRGDACEGDSGGPFVMKSPFNNRWYQMGIVSWGEGCDRDGKYGFY
THVFRLKKWIQKVIDQFGE
;
H
3 'polypeptide(L)' DFEEIPEE(TYS)LQ I
#
# COMPACT_ATOMS: atom_id res chain seq x y z
N THR A 1 2.14 -12.47 -7.04
CA THR A 1 3.54 -12.77 -6.71
C THR A 1 4.44 -12.12 -7.77
N PHE A 2 4.16 -12.36 -9.02
CA PHE A 2 5.00 -11.80 -10.10
C PHE A 2 4.15 -10.99 -11.05
N GLY A 3 4.65 -10.92 -12.24
CA GLY A 3 4.00 -10.18 -13.34
C GLY A 3 2.54 -10.39 -13.54
N SER A 4 1.89 -9.26 -13.53
CA SER A 4 0.44 -9.19 -13.71
C SER A 4 -0.21 -9.91 -12.54
N GLY A 5 0.57 -10.06 -11.50
CA GLY A 5 0.05 -10.71 -10.29
C GLY A 5 0.26 -12.12 -9.78
N GLU A 6 -0.86 -12.80 -9.78
CA GLU A 6 -0.90 -14.19 -9.29
C GLU A 6 -1.72 -15.17 -10.15
N ALA A 7 -2.95 -14.82 -10.47
CA ALA A 7 -3.86 -15.70 -11.31
C ALA A 7 -5.27 -15.16 -11.18
N ASP A 8 -5.68 -15.08 -9.95
CA ASP A 8 -7.04 -14.58 -9.64
C ASP A 8 -6.84 -13.25 -8.91
N CYS A 9 -5.63 -12.76 -8.98
CA CYS A 9 -5.30 -11.49 -8.30
C CYS A 9 -6.16 -10.31 -8.77
N GLY A 10 -6.27 -9.32 -7.94
CA GLY A 10 -7.07 -8.13 -8.35
C GLY A 10 -8.53 -8.24 -8.51
N LEU A 11 -9.10 -9.41 -8.38
CA LEU A 11 -10.58 -9.58 -8.54
C LEU A 11 -11.13 -9.79 -7.15
N ARG A 12 -11.76 -8.77 -6.61
CA ARG A 12 -12.33 -8.87 -5.21
C ARG A 12 -13.57 -9.77 -5.06
N PRO A 13 -13.53 -10.74 -4.16
CA PRO A 13 -14.67 -11.59 -3.81
C PRO A 13 -15.99 -10.88 -3.71
N LEU A 14 -15.97 -9.79 -3.00
CA LEU A 14 -17.23 -9.02 -2.82
C LEU A 14 -17.59 -8.00 -3.86
N PHE A 15 -16.77 -7.79 -4.86
CA PHE A 15 -17.12 -6.77 -5.87
C PHE A 15 -17.00 -7.36 -7.26
N GLU A 16 -15.85 -7.39 -7.86
CA GLU A 16 -15.69 -7.96 -9.25
C GLU A 16 -16.30 -9.32 -9.38
N LYS A 17 -15.94 -10.18 -8.50
CA LYS A 17 -16.48 -11.56 -8.55
C LYS A 17 -18.02 -11.61 -8.48
N LYS A 18 -18.70 -10.59 -7.99
CA LYS A 18 -20.18 -10.65 -7.93
C LYS A 18 -20.72 -9.54 -8.80
N SER A 19 -19.83 -8.96 -9.52
CA SER A 19 -20.19 -7.86 -10.42
C SER A 19 -20.82 -6.65 -9.65
N LEU A 20 -20.30 -6.37 -8.48
CA LEU A 20 -20.82 -5.22 -7.70
C LEU A 20 -19.69 -4.19 -7.75
N GLU A 21 -20.02 -2.94 -7.75
CA GLU A 21 -19.00 -1.87 -7.80
C GLU A 21 -18.96 -1.24 -6.44
N ASP A 22 -17.87 -0.58 -6.13
CA ASP A 22 -17.79 0.06 -4.79
C ASP A 22 -18.17 1.50 -5.12
N LYS A 23 -18.50 2.29 -4.15
CA LYS A 23 -18.89 3.68 -4.49
C LYS A 23 -17.95 4.63 -5.17
N THR A 24 -16.67 4.49 -5.14
CA THR A 24 -15.85 5.50 -5.88
C THR A 24 -15.02 4.91 -7.01
N GLU A 25 -15.16 3.66 -7.36
CA GLU A 25 -14.28 3.20 -8.46
C GLU A 25 -14.63 3.91 -9.75
N ARG A 26 -15.84 4.37 -9.89
CA ARG A 26 -16.27 5.12 -11.13
C ARG A 26 -15.30 6.30 -11.38
N GLU A 27 -15.03 6.97 -10.30
CA GLU A 27 -14.11 8.16 -10.30
C GLU A 27 -12.77 7.79 -10.99
N LEU A 28 -12.28 6.64 -10.66
CA LEU A 28 -11.00 6.16 -11.24
C LEU A 28 -11.15 5.89 -12.71
N LEU A 29 -12.04 5.00 -13.05
CA LEU A 29 -12.23 4.67 -14.50
C LEU A 29 -12.59 5.88 -15.29
N GLU A 30 -13.26 6.80 -14.68
CA GLU A 30 -13.62 8.00 -15.47
C GLU A 30 -12.39 8.85 -15.73
N SER A 31 -11.37 8.73 -14.93
CA SER A 31 -10.17 9.57 -15.17
C SER A 31 -9.23 8.94 -16.15
N TYR A 32 -9.53 7.76 -16.57
CA TYR A 32 -8.62 7.09 -17.56
C TYR A 32 -9.44 7.46 -18.77
N ILE A 33 -9.53 8.74 -19.01
CA ILE A 33 -10.32 9.33 -20.15
C ILE A 33 -11.59 8.50 -20.52
N ASP A 34 -12.14 8.03 -19.43
CA ASP A 34 -13.37 7.19 -19.31
C ASP A 34 -13.13 5.74 -19.68
N GLY A 35 -13.64 4.88 -18.86
CA GLY A 35 -13.49 3.42 -19.10
C GLY A 35 -14.76 2.90 -19.74
N ARG A 36 -14.60 1.71 -20.25
CA ARG A 36 -15.56 0.81 -20.97
C ARG A 36 -15.79 1.34 -22.39
N ILE B 1 -4.81 8.86 6.50
CA ILE B 1 -5.31 9.34 5.22
C ILE B 1 -6.01 10.61 5.66
N VAL B 2 -5.80 11.67 4.95
CA VAL B 2 -6.42 12.98 5.26
C VAL B 2 -7.43 13.21 4.14
N GLU B 3 -8.61 13.60 4.54
CA GLU B 3 -9.77 13.87 3.63
C GLU B 3 -10.14 12.64 2.79
N GLY B 4 -10.12 11.51 3.45
CA GLY B 4 -10.46 10.20 2.81
C GLY B 4 -11.74 9.78 3.51
N SER B 5 -12.35 8.68 3.14
CA SER B 5 -13.60 8.25 3.81
C SER B 5 -13.42 6.83 4.25
N ASP B 6 -14.36 6.34 5.02
CA ASP B 6 -14.23 4.94 5.49
C ASP B 6 -14.33 4.02 4.32
N ALA B 7 -13.64 2.93 4.38
CA ALA B 7 -13.69 1.99 3.26
C ALA B 7 -14.95 1.13 3.44
N GLU B 8 -15.18 0.31 2.46
CA GLU B 8 -16.36 -0.61 2.51
C GLU B 8 -15.71 -1.90 2.93
N ILE B 9 -16.54 -2.77 3.39
CA ILE B 9 -16.03 -4.07 3.83
C ILE B 9 -15.60 -4.78 2.51
N GLY B 10 -14.47 -5.40 2.58
CA GLY B 10 -13.89 -6.14 1.42
C GLY B 10 -13.45 -5.25 0.24
N MET B 11 -13.30 -3.97 0.45
CA MET B 11 -12.87 -3.03 -0.66
C MET B 11 -11.37 -3.19 -1.04
N SER B 12 -10.54 -3.45 -0.08
CA SER B 12 -9.05 -3.65 -0.27
C SER B 12 -8.58 -4.94 0.39
N PRO B 13 -9.00 -6.04 -0.09
CA PRO B 13 -8.73 -7.35 0.60
C PRO B 13 -7.25 -7.64 0.67
N TRP B 14 -6.53 -6.84 0.01
CA TRP B 14 -5.05 -7.05 0.03
C TRP B 14 -4.41 -6.18 1.09
N GLN B 15 -5.11 -5.30 1.71
CA GLN B 15 -4.45 -4.43 2.75
C GLN B 15 -4.00 -5.26 3.95
N VAL B 16 -2.80 -5.02 4.38
CA VAL B 16 -2.17 -5.71 5.53
C VAL B 16 -1.78 -4.66 6.60
N MET B 17 -1.69 -5.09 7.82
CA MET B 17 -1.31 -4.17 8.93
C MET B 17 -0.03 -4.75 9.52
N LEU B 18 0.97 -3.96 9.68
CA LEU B 18 2.24 -4.48 10.27
C LEU B 18 1.95 -4.04 11.70
N PHE B 19 2.05 -5.00 12.56
CA PHE B 19 1.77 -4.78 13.99
C PHE B 19 2.99 -5.16 14.86
N ARG B 20 3.29 -4.29 15.77
CA ARG B 20 4.44 -4.52 16.66
C ARG B 20 3.98 -5.35 17.86
N LYS B 21 4.80 -6.27 18.27
CA LYS B 21 4.38 -7.11 19.43
C LYS B 21 4.43 -6.31 20.76
N SER B 22 5.51 -5.68 21.07
CA SER B 22 5.54 -4.92 22.35
C SER B 22 6.35 -3.64 22.10
N PRO B 23 5.79 -2.48 22.35
CA PRO B 23 4.33 -2.26 22.60
C PRO B 23 3.48 -2.71 21.40
N GLN B 24 2.26 -3.05 21.70
CA GLN B 24 1.34 -3.50 20.65
C GLN B 24 0.79 -2.30 19.92
N GLU B 25 1.44 -1.96 18.85
CA GLU B 25 1.00 -0.78 18.04
C GLU B 25 1.11 -1.00 16.51
N LEU B 26 0.33 -0.20 15.80
CA LEU B 26 0.27 -0.22 14.31
C LEU B 26 1.58 0.38 13.94
N LEU B 27 2.21 -0.23 13.00
CA LEU B 27 3.50 0.28 12.55
C LEU B 27 3.34 0.92 11.18
N CYS B 28 2.88 0.12 10.26
CA CYS B 28 2.67 0.56 8.84
C CYS B 28 1.59 -0.28 8.21
N GLY B 29 1.39 -0.01 6.97
CA GLY B 29 0.39 -0.73 6.13
C GLY B 29 1.29 -1.62 5.22
N ALA B 30 0.72 -2.51 4.43
CA ALA B 30 1.49 -3.38 3.54
C ALA B 30 0.45 -4.02 2.64
N SER B 31 0.83 -4.83 1.70
CA SER B 31 -0.19 -5.47 0.82
C SER B 31 0.22 -6.93 0.66
N LEU B 32 -0.75 -7.76 0.36
CA LEU B 32 -0.59 -9.22 0.18
C LEU B 32 -0.51 -9.43 -1.33
N ILE B 33 0.58 -10.01 -1.81
CA ILE B 33 0.70 -10.24 -3.28
C ILE B 33 0.58 -11.77 -3.62
N SER B 34 0.67 -12.67 -2.66
CA SER B 34 0.52 -14.14 -2.87
C SER B 34 0.07 -14.65 -1.51
N ASP B 35 0.03 -15.94 -1.31
CA ASP B 35 -0.42 -16.41 0.04
C ASP B 35 0.74 -16.43 1.01
N ARG B 36 1.93 -16.16 0.56
CA ARG B 36 3.14 -16.13 1.46
C ARG B 36 3.93 -14.83 1.41
N TRP B 37 3.63 -13.89 0.56
CA TRP B 37 4.47 -12.65 0.53
C TRP B 37 3.72 -11.36 0.72
N VAL B 38 4.31 -10.51 1.50
CA VAL B 38 3.70 -9.19 1.78
C VAL B 38 4.71 -8.17 1.30
N LEU B 39 4.23 -7.10 0.77
CA LEU B 39 5.12 -6.02 0.27
C LEU B 39 4.91 -4.78 1.14
N THR B 40 5.97 -4.11 1.54
CA THR B 40 5.78 -2.87 2.37
C THR B 40 6.90 -1.92 1.98
N ALA B 41 7.06 -0.87 2.74
CA ALA B 41 8.13 0.13 2.45
C ALA B 41 9.28 -0.23 3.40
N ALA B 42 10.48 -0.17 2.87
CA ALA B 42 11.67 -0.49 3.70
C ALA B 42 11.81 0.47 4.88
N HIS B 43 11.47 1.74 4.75
CA HIS B 43 11.66 2.60 5.97
C HIS B 43 10.72 2.28 7.15
N CYS B 44 9.85 1.34 6.96
CA CYS B 44 8.92 0.92 8.01
C CYS B 44 9.69 -0.01 8.90
N LEU B 45 10.69 -0.62 8.30
CA LEU B 45 11.54 -1.59 9.05
C LEU B 45 12.91 -1.12 9.41
N LEU B 46 13.50 -0.38 8.53
CA LEU B 46 14.88 0.11 8.76
C LEU B 46 15.06 1.61 8.52
N TYR B 47 15.36 2.35 9.54
CA TYR B 47 15.54 3.80 9.38
C TYR B 47 16.48 4.19 10.53
N PRO B 48 17.76 4.01 10.30
CA PRO B 48 18.84 4.31 11.29
C PRO B 48 18.87 5.72 11.93
N PRO B 49 18.54 6.77 11.23
CA PRO B 49 18.38 8.10 11.86
C PRO B 49 17.52 8.08 13.11
N TRP B 50 16.60 7.12 13.20
CA TRP B 50 15.72 7.03 14.40
C TRP B 50 15.93 5.71 15.07
N ASP B 51 17.05 5.13 14.81
CA ASP B 51 17.39 3.81 15.40
C ASP B 51 16.29 2.76 15.20
N LYS B 52 15.78 2.69 14.01
CA LYS B 52 14.69 1.71 13.69
C LYS B 52 15.33 0.60 12.86
N ASN B 53 15.24 -0.61 13.31
CA ASN B 53 15.80 -1.79 12.62
C ASN B 53 14.99 -2.93 13.20
N PHE B 54 13.84 -3.19 12.64
CA PHE B 54 13.00 -4.29 13.18
C PHE B 54 13.50 -5.60 12.57
N THR B 55 13.14 -6.63 13.27
CA THR B 55 13.50 -8.01 12.91
C THR B 55 12.23 -8.87 12.86
N GLU B 56 12.36 -10.01 12.25
CA GLU B 56 11.24 -11.00 12.10
C GLU B 56 10.41 -11.08 13.40
N ASN B 57 11.17 -11.43 14.40
CA ASN B 57 10.71 -11.60 15.79
C ASN B 57 10.01 -10.42 16.39
N ASP B 58 10.13 -9.29 15.77
CA ASP B 58 9.46 -8.10 16.36
C ASP B 58 8.16 -7.74 15.77
N LEU B 59 7.82 -8.38 14.70
CA LEU B 59 6.55 -8.05 14.02
C LEU B 59 5.57 -9.17 13.86
N LEU B 60 4.40 -8.70 13.63
CA LEU B 60 3.23 -9.56 13.38
C LEU B 60 2.56 -8.90 12.16
N VAL B 61 1.93 -9.70 11.32
CA VAL B 61 1.24 -9.19 10.12
C VAL B 61 -0.26 -9.50 10.37
N ARG B 62 -1.16 -8.55 10.19
CA ARG B 62 -2.60 -8.85 10.42
C ARG B 62 -3.29 -8.63 9.07
N ILE B 63 -3.93 -9.65 8.57
CA ILE B 63 -4.63 -9.62 7.28
C ILE B 63 -6.16 -9.79 7.45
N GLY B 64 -6.92 -9.15 6.60
CA GLY B 64 -8.42 -9.22 6.64
C GLY B 64 -9.08 -8.16 7.52
N LYS B 65 -8.36 -7.17 7.94
CA LYS B 65 -8.99 -6.14 8.81
C LYS B 65 -9.74 -5.05 8.16
N HIS B 66 -10.47 -4.41 9.04
CA HIS B 66 -11.32 -3.26 8.69
C HIS B 66 -11.11 -2.28 9.85
N SER B 67 -11.45 -2.72 11.02
CA SER B 67 -11.30 -1.87 12.22
C SER B 67 -9.79 -1.76 12.53
N ARG B 68 -9.40 -0.63 13.05
CA ARG B 68 -7.97 -0.39 13.37
C ARG B 68 -7.54 -1.07 14.68
N THR B 69 -8.25 -0.84 15.75
CA THR B 69 -7.85 -1.47 17.06
C THR B 69 -8.47 -2.76 17.50
N ARG B 70 -9.44 -3.26 16.82
CA ARG B 70 -10.05 -4.51 17.30
C ARG B 70 -9.56 -5.75 16.68
N TYR B 71 -9.55 -6.79 17.47
CA TYR B 71 -9.09 -8.14 17.03
C TYR B 71 -10.40 -8.70 16.44
N GLU B 72 -10.51 -8.59 15.15
CA GLU B 72 -11.74 -9.07 14.44
C GLU B 72 -11.73 -10.58 14.31
N ARG B 73 -12.16 -11.18 15.40
CA ARG B 73 -12.26 -12.66 15.57
C ARG B 73 -13.02 -13.30 14.41
N ASN B 74 -12.45 -14.34 13.87
CA ASN B 74 -12.99 -15.15 12.73
C ASN B 74 -12.91 -14.41 11.40
N ILE B 75 -12.39 -13.22 11.38
CA ILE B 75 -12.28 -12.47 10.10
C ILE B 75 -10.81 -12.25 9.79
N GLU B 76 -10.09 -11.67 10.70
CA GLU B 76 -8.68 -11.44 10.38
C GLU B 76 -7.80 -12.63 10.68
N LYS B 77 -6.64 -12.63 10.08
CA LYS B 77 -5.63 -13.71 10.26
C LYS B 77 -4.36 -12.98 10.66
N ILE B 78 -3.68 -13.51 11.61
CA ILE B 78 -2.42 -12.91 12.11
C ILE B 78 -1.33 -13.90 11.70
N SER B 79 -0.26 -13.47 11.10
CA SER B 79 0.82 -14.42 10.68
C SER B 79 2.14 -13.93 11.23
N MET B 80 3.09 -14.83 11.23
CA MET B 80 4.44 -14.49 11.74
C MET B 80 5.31 -14.46 10.53
N LEU B 81 6.45 -13.85 10.68
CA LEU B 81 7.39 -13.74 9.56
C LEU B 81 8.45 -14.75 9.66
N GLU B 82 8.90 -15.14 8.52
CA GLU B 82 9.96 -16.14 8.37
C GLU B 82 11.19 -15.33 8.00
N LYS B 83 11.05 -14.46 7.03
CA LYS B 83 12.21 -13.62 6.60
C LYS B 83 11.75 -12.26 6.04
N ILE B 84 12.57 -11.27 6.19
CA ILE B 84 12.32 -9.88 5.72
C ILE B 84 13.45 -9.66 4.73
N TYR B 85 13.12 -9.03 3.64
CA TYR B 85 14.15 -8.77 2.63
C TYR B 85 14.04 -7.29 2.30
N ILE B 86 15.11 -6.56 2.43
CA ILE B 86 15.07 -5.10 2.14
C ILE B 86 15.86 -4.97 0.85
N HIS B 87 15.47 -4.07 0.00
CA HIS B 87 16.21 -3.88 -1.28
C HIS B 87 17.67 -3.56 -0.89
N PRO B 88 18.64 -4.20 -1.47
CA PRO B 88 20.05 -3.93 -1.15
C PRO B 88 20.45 -2.46 -1.36
N ARG B 89 19.83 -1.79 -2.28
CA ARG B 89 20.19 -0.37 -2.51
C ARG B 89 19.17 0.64 -2.01
N TYR B 90 18.47 0.28 -0.97
CA TYR B 90 17.44 1.18 -0.37
C TYR B 90 18.32 2.32 0.16
N ASN B 91 18.00 3.55 -0.18
CA ASN B 91 18.82 4.73 0.29
C ASN B 91 18.17 5.50 1.42
N TRP B 92 18.46 5.12 2.63
CA TRP B 92 17.85 5.83 3.78
C TRP B 92 18.67 7.05 4.14
N ARG B 93 19.87 7.11 3.63
CA ARG B 93 20.72 8.27 3.94
C ARG B 93 20.29 9.52 3.21
N GLU B 94 19.72 9.40 2.04
CA GLU B 94 19.31 10.65 1.34
C GLU B 94 17.84 10.86 0.97
N ASN B 95 17.29 10.14 0.04
CA ASN B 95 15.86 10.37 -0.35
C ASN B 95 14.92 9.17 -0.32
N LEU B 96 15.25 8.12 0.38
CA LEU B 96 14.40 6.91 0.46
C LEU B 96 14.15 6.34 -0.92
N ASP B 97 15.18 6.37 -1.72
CA ASP B 97 15.08 5.83 -3.10
C ASP B 97 15.07 4.29 -2.91
N ARG B 98 14.17 3.64 -3.62
CA ARG B 98 13.98 2.14 -3.57
C ARG B 98 13.49 1.78 -2.13
N ASP B 99 12.41 2.40 -1.78
CA ASP B 99 11.79 2.18 -0.45
C ASP B 99 10.87 0.97 -0.61
N ILE B 100 11.43 -0.22 -0.60
CA ILE B 100 10.57 -1.44 -0.77
C ILE B 100 11.18 -2.61 0.00
N ALA B 101 10.33 -3.46 0.51
CA ALA B 101 10.79 -4.63 1.28
C ALA B 101 9.77 -5.69 1.09
N LEU B 102 10.25 -6.90 1.16
CA LEU B 102 9.35 -8.08 1.00
C LEU B 102 9.42 -8.87 2.29
N MET B 103 8.32 -9.48 2.68
CA MET B 103 8.32 -10.28 3.94
C MET B 103 7.71 -11.61 3.55
N LYS B 104 8.31 -12.63 4.05
CA LYS B 104 7.87 -14.00 3.78
C LYS B 104 7.15 -14.44 5.03
N LEU B 105 5.96 -14.94 4.88
CA LEU B 105 5.19 -15.38 6.06
C LEU B 105 5.61 -16.78 6.46
N LYS B 106 5.46 -17.04 7.71
CA LYS B 106 5.82 -18.38 8.25
C LYS B 106 5.01 -19.46 7.51
N LYS B 107 3.72 -19.25 7.39
CA LYS B 107 2.85 -20.25 6.68
C LYS B 107 1.97 -19.52 5.68
N PRO B 108 1.50 -20.21 4.67
CA PRO B 108 0.61 -19.60 3.64
C PRO B 108 -0.70 -19.19 4.32
N VAL B 109 -1.27 -18.09 3.91
CA VAL B 109 -2.53 -17.66 4.55
C VAL B 109 -3.62 -18.18 3.58
N ALA B 110 -4.82 -18.33 4.08
CA ALA B 110 -5.93 -18.83 3.20
C ALA B 110 -6.74 -17.62 2.84
N PHE B 111 -7.12 -17.58 1.60
CA PHE B 111 -7.93 -16.41 1.13
C PHE B 111 -9.37 -16.55 1.60
N SER B 112 -10.10 -15.47 1.55
CA SER B 112 -11.50 -15.49 1.98
C SER B 112 -12.09 -14.30 1.29
N ASP B 113 -13.26 -13.94 1.66
CA ASP B 113 -13.93 -12.76 1.05
C ASP B 113 -13.22 -11.47 1.51
N TYR B 114 -12.45 -11.60 2.56
CA TYR B 114 -11.70 -10.42 3.12
C TYR B 114 -10.19 -10.45 2.89
N ILE B 115 -9.70 -11.55 2.42
CA ILE B 115 -8.25 -11.73 2.15
C ILE B 115 -8.09 -12.21 0.69
N HIS B 116 -7.44 -11.42 -0.13
CA HIS B 116 -7.23 -11.76 -1.56
C HIS B 116 -6.04 -10.91 -2.08
N PRO B 117 -5.09 -11.43 -2.81
CA PRO B 117 -3.93 -10.65 -3.24
C PRO B 117 -4.22 -9.68 -4.37
N VAL B 118 -3.34 -8.75 -4.51
CA VAL B 118 -3.50 -7.73 -5.55
C VAL B 118 -2.52 -8.17 -6.62
N CYS B 119 -2.69 -7.63 -7.79
CA CYS B 119 -1.80 -7.98 -8.92
C CYS B 119 -0.67 -6.98 -9.01
N LEU B 120 0.45 -7.45 -9.46
CA LEU B 120 1.64 -6.58 -9.60
C LEU B 120 1.62 -6.28 -11.09
N PRO B 121 1.94 -5.06 -11.45
CA PRO B 121 1.69 -4.59 -12.79
C PRO B 121 2.76 -5.18 -13.74
N ASP B 122 2.44 -5.22 -14.99
CA ASP B 122 3.39 -5.75 -15.97
C ASP B 122 3.71 -4.46 -16.78
N ARG B 123 4.81 -4.47 -17.48
CA ARG B 123 5.26 -3.31 -18.30
C ARG B 123 4.14 -2.58 -19.01
N GLU B 124 3.32 -3.32 -19.68
CA GLU B 124 2.18 -2.68 -20.43
C GLU B 124 1.15 -2.00 -19.56
N THR B 125 0.76 -2.64 -18.50
CA THR B 125 -0.26 -2.01 -17.61
C THR B 125 0.37 -0.75 -17.01
N ALA B 126 1.61 -0.85 -16.65
CA ALA B 126 2.29 0.32 -16.07
C ALA B 126 2.27 1.44 -17.10
N ALA B 127 2.60 1.05 -18.29
CA ALA B 127 2.64 2.05 -19.39
C ALA B 127 1.32 2.72 -19.67
N SER B 128 0.25 2.00 -19.60
CA SER B 128 -1.04 2.68 -19.90
C SER B 128 -1.70 3.38 -18.74
N LEU B 129 -1.49 2.95 -17.53
CA LEU B 129 -2.15 3.62 -16.37
C LEU B 129 -1.37 4.68 -15.63
N LEU B 130 -0.06 4.59 -15.60
CA LEU B 130 0.68 5.62 -14.85
C LEU B 130 0.82 6.88 -15.68
N GLN B 131 -0.28 7.56 -15.86
CA GLN B 131 -0.25 8.81 -16.65
C GLN B 131 -0.77 9.92 -15.76
N ALA B 132 -0.23 11.09 -15.94
CA ALA B 132 -0.65 12.26 -15.12
C ALA B 132 -2.12 12.50 -15.33
N GLY B 133 -2.84 12.66 -14.24
CA GLY B 133 -4.30 12.90 -14.34
C GLY B 133 -5.11 11.66 -14.01
N TYR B 134 -4.51 10.54 -14.16
CA TYR B 134 -5.25 9.28 -13.84
C TYR B 134 -5.25 9.15 -12.33
N LYS B 135 -6.31 8.65 -11.80
CA LYS B 135 -6.41 8.50 -10.34
C LYS B 135 -6.19 7.07 -9.88
N GLY B 136 -5.59 7.01 -8.72
CA GLY B 136 -5.26 5.76 -8.02
C GLY B 136 -5.92 5.88 -6.66
N ARG B 137 -5.83 4.83 -5.88
CA ARG B 137 -6.44 4.79 -4.53
C ARG B 137 -5.44 4.37 -3.51
N VAL B 138 -5.48 5.01 -2.40
CA VAL B 138 -4.56 4.71 -1.27
C VAL B 138 -5.41 4.39 -0.08
N THR B 139 -5.03 3.43 0.68
CA THR B 139 -5.81 3.08 1.87
C THR B 139 -4.87 2.96 3.06
N GLY B 140 -5.43 3.08 4.23
CA GLY B 140 -4.57 2.96 5.45
C GLY B 140 -5.32 3.36 6.68
N TRP B 141 -4.70 3.06 7.78
CA TRP B 141 -5.23 3.33 9.17
C TRP B 141 -4.36 4.40 9.83
N GLY B 142 -3.73 5.17 9.00
CA GLY B 142 -2.83 6.25 9.48
C GLY B 142 -3.60 7.45 9.94
N ASN B 143 -2.84 8.41 10.31
CA ASN B 143 -3.41 9.67 10.80
C ASN B 143 -4.33 10.31 9.83
N LEU B 144 -5.23 11.04 10.44
CA LEU B 144 -6.29 11.81 9.73
C LEU B 144 -5.94 13.26 9.50
N LYS B 145 -4.96 13.76 10.20
CA LYS B 145 -4.52 15.16 10.07
C LYS B 145 -3.04 15.11 10.34
N GLU B 146 -2.34 16.14 9.96
CA GLU B 146 -0.87 16.18 10.19
C GLU B 146 -0.60 16.16 11.69
N THR B 147 -1.37 16.93 12.39
CA THR B 147 -1.36 17.10 13.86
C THR B 147 -2.77 17.70 14.08
N GLY B 155 -7.53 11.96 16.00
CA GLY B 155 -7.04 12.02 14.59
C GLY B 155 -6.49 10.67 14.07
N GLN B 156 -7.08 9.57 14.48
CA GLN B 156 -6.68 8.20 14.06
C GLN B 156 -8.10 7.69 13.76
N PRO B 157 -8.28 6.91 12.73
CA PRO B 157 -9.63 6.45 12.31
C PRO B 157 -9.99 5.18 13.04
N SER B 158 -11.23 4.81 13.02
CA SER B 158 -11.58 3.55 13.72
C SER B 158 -11.63 2.43 12.69
N VAL B 159 -11.84 2.85 11.48
CA VAL B 159 -11.95 1.96 10.31
C VAL B 159 -10.95 2.37 9.22
N LEU B 160 -10.70 1.44 8.34
CA LEU B 160 -9.75 1.69 7.22
C LEU B 160 -10.30 2.86 6.39
N GLN B 161 -9.42 3.72 5.96
CA GLN B 161 -9.78 4.93 5.15
C GLN B 161 -9.32 4.76 3.72
N VAL B 162 -9.92 5.50 2.83
CA VAL B 162 -9.58 5.47 1.38
C VAL B 162 -9.69 6.88 0.81
N VAL B 163 -8.93 7.17 -0.21
CA VAL B 163 -8.96 8.49 -0.87
C VAL B 163 -8.45 8.11 -2.27
N ASN B 164 -8.94 8.75 -3.27
CA ASN B 164 -8.51 8.49 -4.68
C ASN B 164 -7.78 9.75 -5.03
N LEU B 165 -6.58 9.64 -5.52
CA LEU B 165 -5.76 10.82 -5.87
C LEU B 165 -5.29 10.73 -7.30
N PRO B 166 -5.17 11.82 -7.97
CA PRO B 166 -4.52 11.87 -9.30
C PRO B 166 -2.98 11.85 -9.31
N ILE B 167 -2.45 11.21 -10.30
CA ILE B 167 -0.99 11.12 -10.47
C ILE B 167 -0.66 12.53 -11.02
N VAL B 168 0.48 13.02 -10.61
CA VAL B 168 0.96 14.38 -11.02
C VAL B 168 2.19 14.26 -11.94
N GLU B 169 2.33 15.24 -12.78
CA GLU B 169 3.44 15.33 -13.75
C GLU B 169 4.75 15.45 -13.00
N ARG B 170 5.71 14.68 -13.40
CA ARG B 170 7.01 14.73 -12.72
C ARG B 170 7.63 16.10 -12.46
N PRO B 171 7.69 17.00 -13.40
CA PRO B 171 8.18 18.38 -13.11
C PRO B 171 7.45 19.09 -11.97
N VAL B 172 6.17 18.90 -11.89
CA VAL B 172 5.42 19.55 -10.81
C VAL B 172 5.87 18.83 -9.51
N CYS B 173 6.13 17.55 -9.60
CA CYS B 173 6.56 16.83 -8.37
C CYS B 173 7.89 17.33 -7.92
N LYS B 174 8.76 17.40 -8.87
CA LYS B 174 10.15 17.88 -8.57
C LYS B 174 10.17 19.33 -8.03
N ASP B 175 9.38 20.17 -8.61
CA ASP B 175 9.34 21.61 -8.17
C ASP B 175 8.59 21.87 -6.89
N SER B 176 8.16 20.84 -6.23
CA SER B 176 7.43 21.01 -4.98
C SER B 176 8.33 20.70 -3.82
N THR B 177 9.51 20.24 -4.09
CA THR B 177 10.43 19.89 -2.97
C THR B 177 11.89 20.14 -3.31
N ARG B 178 12.68 20.03 -2.28
CA ARG B 178 14.14 20.21 -2.33
C ARG B 178 14.74 18.83 -2.35
N ILE B 179 13.95 17.81 -2.16
CA ILE B 179 14.59 16.45 -2.18
C ILE B 179 14.74 16.04 -3.62
N ARG B 180 15.76 15.27 -3.83
CA ARG B 180 16.09 14.76 -5.17
C ARG B 180 15.18 13.55 -5.49
N ILE B 181 14.35 13.70 -6.48
CA ILE B 181 13.37 12.68 -6.95
C ILE B 181 14.07 11.74 -7.96
N THR B 182 13.85 10.43 -7.91
CA THR B 182 14.49 9.50 -8.84
C THR B 182 13.38 8.88 -9.66
N ASP B 183 13.77 8.00 -10.54
CA ASP B 183 12.77 7.34 -11.42
C ASP B 183 12.03 6.27 -10.66
N ASN B 184 12.53 5.90 -9.51
CA ASN B 184 11.83 4.85 -8.71
C ASN B 184 10.75 5.43 -7.84
N MET B 185 10.30 6.61 -8.13
CA MET B 185 9.25 7.22 -7.31
C MET B 185 8.33 7.97 -8.24
N PHE B 186 7.14 8.28 -7.78
CA PHE B 186 6.20 9.09 -8.61
C PHE B 186 5.43 9.82 -7.53
N CYS B 187 4.70 10.87 -7.83
CA CYS B 187 3.92 11.59 -6.76
C CYS B 187 2.47 11.70 -7.22
N ALA B 188 1.62 11.92 -6.28
CA ALA B 188 0.19 12.03 -6.59
C ALA B 188 -0.44 12.99 -5.63
N GLY B 189 -1.54 13.58 -5.99
CA GLY B 189 -2.26 14.54 -5.13
C GLY B 189 -2.86 15.60 -6.02
N TYR B 190 -3.70 16.40 -5.46
CA TYR B 190 -4.37 17.50 -6.20
C TYR B 190 -3.53 18.77 -6.06
N LYS B 191 -3.62 19.59 -7.07
CA LYS B 191 -2.88 20.89 -7.13
C LYS B 191 -3.68 21.82 -6.20
N PRO B 192 -3.07 22.84 -5.63
CA PRO B 192 -3.78 23.80 -4.71
C PRO B 192 -5.04 24.33 -5.44
N ASP B 193 -4.75 24.47 -6.71
CA ASP B 193 -5.68 24.96 -7.77
C ASP B 193 -6.93 24.10 -7.97
N GLU B 194 -6.81 22.82 -7.80
CA GLU B 194 -8.01 21.95 -8.02
C GLU B 194 -9.10 21.87 -6.98
N GLY B 195 -8.96 22.56 -5.89
CA GLY B 195 -10.02 22.49 -4.86
C GLY B 195 -10.53 21.07 -4.50
N LYS B 196 -9.63 20.17 -4.24
CA LYS B 196 -9.93 18.76 -3.84
C LYS B 196 -8.70 18.50 -2.99
N ARG B 197 -8.82 17.73 -1.97
CA ARG B 197 -7.64 17.46 -1.11
C ARG B 197 -7.53 15.97 -0.93
N GLY B 198 -6.60 15.60 -0.11
CA GLY B 198 -6.37 14.19 0.19
C GLY B 198 -4.95 13.88 0.20
N ASP B 199 -4.57 12.93 1.01
CA ASP B 199 -3.16 12.52 1.08
C ASP B 199 -3.05 11.37 2.10
N ALA B 200 -1.92 10.73 2.07
CA ALA B 200 -1.61 9.61 2.96
C ALA B 200 -0.99 10.42 4.10
N CYS B 201 -0.66 9.77 5.16
CA CYS B 201 -0.05 10.50 6.30
C CYS B 201 0.57 9.40 7.15
N GLU B 202 1.19 9.86 8.19
CA GLU B 202 1.87 8.96 9.17
C GLU B 202 1.00 7.75 9.54
N GLY B 203 1.53 6.56 9.38
CA GLY B 203 0.75 5.34 9.72
C GLY B 203 0.29 4.61 8.48
N ASP B 204 0.25 5.33 7.37
CA ASP B 204 -0.19 4.76 6.06
C ASP B 204 0.95 4.22 5.24
N SER B 205 2.13 4.56 5.66
CA SER B 205 3.38 4.14 5.00
C SER B 205 3.38 2.64 4.75
N GLY B 206 3.94 2.21 3.65
CA GLY B 206 3.97 0.74 3.35
C GLY B 206 2.79 0.22 2.66
N GLY B 207 1.75 0.95 2.68
CA GLY B 207 0.54 0.47 2.02
C GLY B 207 0.47 0.76 0.57
N PRO B 208 -0.57 0.24 -0.02
CA PRO B 208 -0.75 0.29 -1.49
C PRO B 208 -1.43 1.48 -2.15
N PHE B 209 -0.99 1.78 -3.34
CA PHE B 209 -1.57 2.87 -4.15
C PHE B 209 -2.04 1.87 -5.28
N VAL B 210 -3.32 1.75 -5.57
CA VAL B 210 -3.70 0.80 -6.62
C VAL B 210 -4.53 1.44 -7.67
N MET B 211 -4.60 0.84 -8.82
CA MET B 211 -5.40 1.35 -9.94
C MET B 211 -6.19 0.16 -10.46
N LYS B 212 -7.29 0.42 -11.08
CA LYS B 212 -8.15 -0.68 -11.62
C LYS B 212 -8.01 -0.64 -13.14
N SER B 213 -7.61 -1.73 -13.73
CA SER B 213 -7.44 -1.78 -15.19
C SER B 213 -8.83 -1.79 -15.84
N PRO B 214 -9.04 -0.85 -16.75
CA PRO B 214 -10.23 -0.80 -17.59
C PRO B 214 -10.20 -1.88 -18.69
N PHE B 215 -9.12 -2.58 -18.82
CA PHE B 215 -9.02 -3.64 -19.86
C PHE B 215 -9.42 -4.98 -19.33
N ASN B 216 -8.94 -5.35 -18.17
CA ASN B 216 -9.33 -6.68 -17.61
C ASN B 216 -9.99 -6.64 -16.23
N ASN B 217 -10.37 -5.45 -15.78
CA ASN B 217 -11.02 -5.24 -14.44
C ASN B 217 -10.29 -5.62 -13.22
N ARG B 218 -9.02 -5.84 -13.33
CA ARG B 218 -8.29 -6.25 -12.10
C ARG B 218 -7.67 -5.07 -11.48
N TRP B 219 -7.35 -5.20 -10.22
CA TRP B 219 -6.69 -4.07 -9.47
C TRP B 219 -5.22 -4.40 -9.44
N TYR B 220 -4.44 -3.40 -9.70
CA TYR B 220 -2.96 -3.51 -9.74
C TYR B 220 -2.43 -2.51 -8.72
N GLN B 221 -1.36 -2.90 -8.12
CA GLN B 221 -0.68 -2.06 -7.11
C GLN B 221 0.44 -1.34 -7.87
N MET B 222 0.30 -0.10 -8.14
CA MET B 222 1.33 0.66 -8.87
C MET B 222 2.38 1.28 -7.93
N GLY B 223 2.02 1.66 -6.73
CA GLY B 223 3.01 2.28 -5.82
C GLY B 223 2.87 1.86 -4.39
N ILE B 224 3.81 2.24 -3.54
CA ILE B 224 3.82 1.94 -2.08
C ILE B 224 3.91 3.30 -1.41
N VAL B 225 3.16 3.57 -0.40
CA VAL B 225 3.23 4.90 0.28
C VAL B 225 4.64 5.01 0.87
N SER B 226 5.36 5.98 0.40
CA SER B 226 6.74 6.22 0.84
C SER B 226 6.98 7.46 1.68
N TRP B 227 6.77 8.62 1.13
CA TRP B 227 7.02 9.85 1.93
C TRP B 227 6.27 11.08 1.45
N GLY B 228 6.35 12.13 2.23
CA GLY B 228 5.67 13.41 1.90
C GLY B 228 6.21 14.38 2.93
N GLU B 229 5.90 15.63 2.80
CA GLU B 229 6.40 16.66 3.78
C GLU B 229 5.11 17.14 4.38
N GLY B 230 4.78 16.56 5.50
CA GLY B 230 3.52 16.96 6.19
C GLY B 230 2.42 16.10 5.56
N CYS B 231 1.19 16.37 5.89
CA CYS B 231 0.06 15.60 5.34
C CYS B 231 -0.96 16.57 4.78
N ASP B 232 -1.21 16.44 3.52
CA ASP B 232 -2.19 17.29 2.78
C ASP B 232 -1.82 18.78 2.89
N ARG B 233 -0.59 19.13 2.60
CA ARG B 233 -0.22 20.58 2.70
C ARG B 233 -0.44 21.12 1.30
N ASP B 234 -0.84 22.34 1.12
CA ASP B 234 -1.03 22.77 -0.30
C ASP B 234 0.32 22.99 -0.93
N GLY B 235 0.39 22.71 -2.20
CA GLY B 235 1.65 22.87 -2.96
C GLY B 235 2.57 21.69 -2.78
N LYS B 236 2.15 20.73 -1.99
CA LYS B 236 2.99 19.52 -1.74
C LYS B 236 2.26 18.26 -2.22
N TYR B 237 2.98 17.18 -2.32
CA TYR B 237 2.39 15.88 -2.81
C TYR B 237 2.98 14.71 -2.02
N GLY B 238 2.38 13.57 -2.25
CA GLY B 238 2.84 12.33 -1.58
C GLY B 238 3.66 11.64 -2.63
N PHE B 239 4.67 10.93 -2.18
CA PHE B 239 5.57 10.19 -3.07
C PHE B 239 5.37 8.72 -2.76
N TYR B 240 5.48 7.97 -3.82
CA TYR B 240 5.33 6.50 -3.77
C TYR B 240 6.40 5.73 -4.51
N THR B 241 6.72 4.56 -4.02
CA THR B 241 7.74 3.75 -4.71
C THR B 241 7.03 3.27 -5.99
N HIS B 242 7.77 3.23 -7.04
CA HIS B 242 7.33 2.81 -8.43
C HIS B 242 7.52 1.30 -8.45
N VAL B 243 6.47 0.58 -8.14
CA VAL B 243 6.57 -0.91 -8.10
C VAL B 243 7.00 -1.54 -9.36
N PHE B 244 6.51 -1.12 -10.48
CA PHE B 244 6.96 -1.76 -11.73
C PHE B 244 8.50 -1.59 -11.89
N ARG B 245 9.02 -0.41 -11.63
CA ARG B 245 10.47 -0.20 -11.77
C ARG B 245 11.26 -1.09 -10.89
N LEU B 246 10.71 -1.59 -9.82
CA LEU B 246 11.54 -2.49 -8.96
C LEU B 246 11.06 -3.96 -9.00
N LYS B 247 10.22 -4.24 -9.94
CA LYS B 247 9.66 -5.61 -10.10
C LYS B 247 10.67 -6.72 -10.38
N LYS B 248 11.75 -6.46 -11.06
CA LYS B 248 12.65 -7.63 -11.27
C LYS B 248 13.23 -8.01 -9.91
N TRP B 249 13.46 -7.04 -9.06
CA TRP B 249 14.02 -7.36 -7.71
C TRP B 249 13.03 -8.26 -7.00
N ILE B 250 11.79 -7.89 -7.11
CA ILE B 250 10.72 -8.68 -6.47
C ILE B 250 10.75 -10.14 -6.93
N GLN B 251 10.70 -10.30 -8.24
CA GLN B 251 10.71 -11.66 -8.86
C GLN B 251 11.88 -12.45 -8.34
N LYS B 252 13.03 -11.84 -8.42
CA LYS B 252 14.28 -12.47 -7.95
C LYS B 252 14.18 -12.99 -6.53
N VAL B 253 13.84 -12.18 -5.56
CA VAL B 253 13.80 -12.78 -4.19
C VAL B 253 12.70 -13.79 -4.09
N ILE B 254 11.68 -13.62 -4.85
CA ILE B 254 10.60 -14.63 -4.70
C ILE B 254 11.05 -15.98 -5.27
N ASP B 255 11.52 -16.02 -6.48
CA ASP B 255 11.94 -17.36 -6.99
C ASP B 255 13.29 -17.82 -6.50
N GLN B 256 13.99 -17.01 -5.76
CA GLN B 256 15.32 -17.42 -5.26
C GLN B 256 15.04 -18.01 -3.86
N PHE B 257 14.09 -17.42 -3.18
CA PHE B 257 13.70 -17.88 -1.82
C PHE B 257 12.29 -18.47 -1.62
N GLY B 258 11.50 -18.79 -2.62
CA GLY B 258 10.13 -19.38 -2.29
C GLY B 258 9.02 -18.96 -3.26
N GLU B 259 7.84 -18.71 -2.76
CA GLU B 259 6.67 -18.30 -3.61
C GLU B 259 5.48 -17.95 -2.69
N ASP C 1 -4.66 1.51 22.96
CA ASP C 1 -5.95 1.67 22.20
C ASP C 1 -6.23 0.32 21.52
N PHE C 2 -5.21 -0.44 21.23
CA PHE C 2 -5.44 -1.75 20.57
C PHE C 2 -5.98 -2.71 21.58
N GLU C 3 -6.83 -3.55 21.05
CA GLU C 3 -7.50 -4.61 21.84
C GLU C 3 -6.39 -5.66 21.89
N GLU C 4 -6.52 -6.48 22.89
CA GLU C 4 -5.56 -7.59 23.16
C GLU C 4 -5.74 -8.62 22.02
N ILE C 5 -4.69 -9.28 21.63
CA ILE C 5 -4.80 -10.29 20.56
C ILE C 5 -4.41 -11.58 21.26
N PRO C 6 -4.91 -12.69 20.82
CA PRO C 6 -4.54 -14.00 21.43
C PRO C 6 -3.06 -14.31 21.61
N GLU C 7 -2.78 -14.74 22.81
CA GLU C 7 -1.43 -15.12 23.26
C GLU C 7 -0.70 -16.02 22.28
N GLU C 8 -1.38 -16.95 21.67
CA GLU C 8 -0.66 -17.84 20.70
C GLU C 8 0.02 -17.10 19.54
N LEU C 10 2.08 -14.58 19.90
CA LEU C 10 3.30 -13.93 20.47
C LEU C 10 4.33 -15.03 20.78
N GLN C 11 3.87 -16.01 21.53
CA GLN C 11 4.66 -17.20 21.97
C GLN C 11 5.95 -16.74 22.68
#